data_4RS7
#
_entry.id   4RS7
#
_cell.length_a   50.210
_cell.length_b   56.060
_cell.length_c   72.300
_cell.angle_alpha   90.00
_cell.angle_beta   94.40
_cell.angle_gamma   90.00
#
_symmetry.space_group_name_H-M   'P 1 21 1'
#
loop_
_entity.id
_entity.type
_entity.pdbx_description
1 polymer ParB-C
2 water water
#
_entity_poly.entity_id   1
_entity_poly.type   'polypeptide(L)'
_entity_poly.pdbx_seq_one_letter_code
;ADLESLYRA(MSE)PSIKKLVDEGKLTEKDAEKVYEIWRN(MSE)EAIYKQASLLWYNTVDLLLKRIGLSEKEREEIFYE
(MSE)VRPYFRLFSREEVFPKEVLEGKL
;
_entity_poly.pdbx_strand_id   R,D,A,B
#
# COMPACT_ATOMS: atom_id res chain seq x y z
N ALA A 1 -21.36 1.02 -17.44
CA ALA A 1 -22.01 0.44 -16.26
C ALA A 1 -21.31 0.87 -14.97
N ASP A 2 -20.29 1.70 -15.10
CA ASP A 2 -19.52 2.15 -13.95
C ASP A 2 -20.39 2.84 -12.90
N LEU A 3 -20.90 4.02 -13.22
CA LEU A 3 -21.63 4.83 -12.25
C LEU A 3 -22.80 4.09 -11.63
N GLU A 4 -23.43 3.21 -12.41
CA GLU A 4 -24.55 2.46 -11.88
C GLU A 4 -24.09 1.50 -10.78
N SER A 5 -22.93 0.89 -10.97
CA SER A 5 -22.38 -0.01 -9.97
C SER A 5 -22.03 0.77 -8.71
N LEU A 6 -21.39 1.92 -8.91
CA LEU A 6 -21.01 2.79 -7.80
C LEU A 6 -22.23 3.21 -6.98
N TYR A 7 -23.29 3.63 -7.68
CA TYR A 7 -24.50 4.10 -7.00
C TYR A 7 -25.16 3.00 -6.17
N ARG A 8 -25.15 1.77 -6.68
CA ARG A 8 -25.71 0.66 -5.93
C ARG A 8 -24.89 0.39 -4.66
N ALA A 9 -23.57 0.51 -4.79
CA ALA A 9 -22.67 0.24 -3.66
C ALA A 9 -22.64 1.41 -2.68
N PRO A 11 -25.04 4.43 -1.83
CA PRO A 11 -26.27 5.24 -1.85
C PRO A 11 -26.00 6.70 -1.47
N SER A 12 -25.02 6.94 -0.61
CA SER A 12 -24.71 8.29 -0.17
C SER A 12 -24.21 9.16 -1.32
N ILE A 13 -23.44 8.54 -2.21
CA ILE A 13 -22.89 9.25 -3.36
C ILE A 13 -23.97 9.51 -4.41
N LYS A 14 -24.81 8.51 -4.65
CA LYS A 14 -25.97 8.67 -5.51
C LYS A 14 -26.81 9.86 -5.07
N LYS A 15 -27.09 9.93 -3.78
CA LYS A 15 -27.89 11.02 -3.22
C LYS A 15 -27.24 12.38 -3.47
N LEU A 16 -25.94 12.49 -3.20
CA LEU A 16 -25.22 13.75 -3.42
C LEU A 16 -25.31 14.22 -4.87
N VAL A 17 -25.18 13.30 -5.81
CA VAL A 17 -25.32 13.64 -7.22
C VAL A 17 -26.76 14.08 -7.54
N ASP A 18 -27.73 13.30 -7.07
CA ASP A 18 -29.14 13.60 -7.29
C ASP A 18 -29.54 14.95 -6.70
N GLU A 19 -28.87 15.33 -5.60
CA GLU A 19 -29.14 16.58 -4.91
C GLU A 19 -28.48 17.74 -5.64
N GLY A 20 -27.62 17.42 -6.60
CA GLY A 20 -26.93 18.44 -7.37
C GLY A 20 -25.63 18.93 -6.73
N LYS A 21 -25.19 18.28 -5.66
CA LYS A 21 -23.97 18.72 -4.95
C LYS A 21 -22.70 18.12 -5.55
N LEU A 22 -22.81 16.92 -6.11
CA LEU A 22 -21.68 16.30 -6.78
C LEU A 22 -21.97 16.16 -8.27
N THR A 23 -21.02 16.57 -9.10
CA THR A 23 -21.19 16.45 -10.54
C THR A 23 -20.94 15.01 -10.97
N GLU A 24 -21.36 14.69 -12.19
CA GLU A 24 -21.17 13.35 -12.72
C GLU A 24 -19.68 13.03 -12.87
N LYS A 25 -18.90 14.01 -13.31
CA LYS A 25 -17.45 13.83 -13.38
C LYS A 25 -16.88 13.59 -11.99
N ASP A 26 -17.42 14.29 -11.00
CA ASP A 26 -17.07 14.04 -9.61
C ASP A 26 -17.29 12.57 -9.28
N ALA A 27 -18.47 12.05 -9.62
CA ALA A 27 -18.82 10.67 -9.34
C ALA A 27 -17.89 9.70 -10.06
N GLU A 28 -17.41 10.09 -11.23
CA GLU A 28 -16.48 9.28 -12.01
C GLU A 28 -15.16 9.10 -11.28
N LYS A 29 -14.72 10.16 -10.62
CA LYS A 29 -13.51 10.12 -9.80
C LYS A 29 -13.71 9.18 -8.62
N VAL A 30 -14.86 9.31 -7.97
CA VAL A 30 -15.20 8.47 -6.81
C VAL A 30 -15.21 6.99 -7.20
N TYR A 31 -15.75 6.68 -8.37
CA TYR A 31 -15.74 5.31 -8.88
C TYR A 31 -14.32 4.74 -8.88
N GLU A 32 -13.40 5.49 -9.46
CA GLU A 32 -12.02 5.03 -9.60
C GLU A 32 -11.37 4.75 -8.25
N ILE A 33 -11.62 5.64 -7.30
CA ILE A 33 -11.11 5.48 -5.94
C ILE A 33 -11.76 4.27 -5.24
N TRP A 34 -13.07 4.12 -5.42
CA TRP A 34 -13.81 2.98 -4.90
C TRP A 34 -13.18 1.67 -5.37
N ARG A 35 -12.89 1.60 -6.67
CA ARG A 35 -12.26 0.41 -7.25
C ARG A 35 -10.83 0.24 -6.73
N ASN A 36 -10.07 1.32 -6.69
CA ASN A 36 -8.68 1.25 -6.24
C ASN A 36 -8.55 0.80 -4.79
N GLU A 38 -10.27 -1.32 -3.19
CA GLU A 38 -10.40 -2.77 -3.04
C GLU A 38 -9.03 -3.44 -3.07
N ALA A 39 -8.15 -2.97 -3.96
CA ALA A 39 -6.82 -3.56 -4.11
C ALA A 39 -6.01 -3.50 -2.81
N ILE A 40 -6.23 -2.46 -2.02
CA ILE A 40 -5.50 -2.33 -0.76
C ILE A 40 -5.89 -3.46 0.20
N TYR A 41 -7.18 -3.73 0.32
CA TYR A 41 -7.63 -4.78 1.20
C TYR A 41 -7.29 -6.18 0.68
N LYS A 42 -7.19 -6.30 -0.64
CA LYS A 42 -6.71 -7.53 -1.26
C LYS A 42 -5.23 -7.78 -0.94
N GLN A 43 -4.44 -6.71 -0.98
CA GLN A 43 -2.99 -6.80 -0.70
C GLN A 43 -2.73 -7.37 0.69
N ALA A 44 -3.56 -6.96 1.64
CA ALA A 44 -3.48 -7.47 3.00
C ALA A 44 -3.81 -8.96 3.05
N SER A 45 -4.86 -9.37 2.34
CA SER A 45 -5.23 -10.77 2.29
C SER A 45 -4.09 -11.59 1.67
N LEU A 46 -3.47 -11.04 0.63
CA LEU A 46 -2.35 -11.70 -0.04
C LEU A 46 -1.15 -11.93 0.92
N LEU A 47 -0.82 -10.91 1.72
CA LEU A 47 0.25 -11.06 2.70
C LEU A 47 -0.09 -12.18 3.67
N TRP A 48 -1.33 -12.19 4.16
CA TRP A 48 -1.78 -13.25 5.07
C TRP A 48 -1.54 -14.63 4.47
N TYR A 49 -2.08 -14.87 3.27
CA TYR A 49 -1.99 -16.18 2.63
C TYR A 49 -0.54 -16.62 2.40
N ASN A 50 0.36 -15.66 2.23
CA ASN A 50 1.75 -15.96 1.94
C ASN A 50 2.67 -16.02 3.15
N THR A 51 2.13 -15.79 4.33
CA THR A 51 2.96 -15.77 5.54
C THR A 51 2.32 -16.54 6.68
N VAL A 52 1.58 -15.83 7.54
CA VAL A 52 1.02 -16.47 8.72
C VAL A 52 0.07 -17.62 8.40
N ASP A 53 -0.67 -17.53 7.30
CA ASP A 53 -1.59 -18.62 6.96
C ASP A 53 -0.82 -19.91 6.72
N LEU A 54 0.38 -19.81 6.16
CA LEU A 54 1.18 -20.99 5.87
C LEU A 54 1.67 -21.61 7.19
N LEU A 55 2.16 -20.75 8.07
CA LEU A 55 2.59 -21.19 9.39
C LEU A 55 1.50 -21.95 10.13
N LEU A 56 0.30 -21.38 10.17
CA LEU A 56 -0.81 -22.00 10.90
C LEU A 56 -1.29 -23.29 10.22
N LYS A 57 -1.15 -23.33 8.90
CA LYS A 57 -1.49 -24.54 8.14
C LYS A 57 -0.61 -25.69 8.59
N ARG A 58 0.69 -25.41 8.71
CA ARG A 58 1.67 -26.42 9.04
C ARG A 58 1.39 -27.07 10.40
N ILE A 59 0.85 -26.29 11.32
CA ILE A 59 0.60 -26.80 12.66
C ILE A 59 -0.81 -27.38 12.82
N GLY A 60 -1.56 -27.43 11.73
CA GLY A 60 -2.79 -28.19 11.68
C GLY A 60 -4.10 -27.44 11.89
N LEU A 61 -4.04 -26.12 12.00
CA LEU A 61 -5.26 -25.34 12.20
C LEU A 61 -6.22 -25.47 11.04
N SER A 62 -7.51 -25.43 11.33
CA SER A 62 -8.52 -25.51 10.29
C SER A 62 -8.69 -24.15 9.61
N GLU A 63 -9.33 -24.15 8.44
CA GLU A 63 -9.60 -22.92 7.73
C GLU A 63 -10.36 -21.92 8.59
N LYS A 64 -11.29 -22.40 9.40
CA LYS A 64 -12.08 -21.53 10.26
C LYS A 64 -11.23 -20.96 11.39
N GLU A 65 -10.39 -21.81 11.97
CA GLU A 65 -9.50 -21.41 13.05
C GLU A 65 -8.48 -20.38 12.57
N ARG A 66 -7.96 -20.56 11.36
CA ARG A 66 -6.98 -19.63 10.83
C ARG A 66 -7.62 -18.29 10.52
N GLU A 67 -8.85 -18.33 9.99
CA GLU A 67 -9.59 -17.11 9.67
C GLU A 67 -9.88 -16.29 10.93
N GLU A 68 -10.17 -16.98 12.03
CA GLU A 68 -10.41 -16.31 13.30
C GLU A 68 -9.17 -15.55 13.75
N ILE A 69 -8.00 -16.16 13.53
CA ILE A 69 -6.75 -15.51 13.89
C ILE A 69 -6.47 -14.28 13.01
N PHE A 70 -6.77 -14.39 11.72
CA PHE A 70 -6.67 -13.24 10.82
C PHE A 70 -7.47 -12.06 11.35
N TYR A 71 -8.73 -12.29 11.70
CA TYR A 71 -9.58 -11.20 12.16
C TYR A 71 -9.11 -10.64 13.49
N GLU A 72 -8.57 -11.51 14.34
CA GLU A 72 -7.98 -11.04 15.60
C GLU A 72 -6.83 -10.10 15.30
N VAL A 74 -6.31 -8.21 12.45
CA VAL A 74 -6.55 -7.02 11.62
C VAL A 74 -7.79 -6.19 11.96
N ARG A 75 -8.68 -6.71 12.80
CA ARG A 75 -9.89 -5.96 13.13
C ARG A 75 -9.61 -4.51 13.57
N PRO A 76 -8.60 -4.30 14.42
CA PRO A 76 -8.30 -2.92 14.83
C PRO A 76 -7.92 -2.01 13.67
N TYR A 77 -7.54 -2.60 12.54
CA TYR A 77 -7.13 -1.83 11.37
C TYR A 77 -8.29 -1.46 10.44
N PHE A 78 -9.45 -2.08 10.67
CA PHE A 78 -10.62 -1.85 9.84
C PHE A 78 -11.30 -0.55 10.26
N ARG A 79 -10.65 0.58 9.98
CA ARG A 79 -11.14 1.88 10.39
C ARG A 79 -10.48 2.96 9.56
N LEU A 80 -10.98 4.19 9.69
CA LEU A 80 -10.29 5.33 9.09
C LEU A 80 -9.23 5.81 10.07
N PHE A 81 -7.96 5.67 9.71
CA PHE A 81 -6.87 6.20 10.53
C PHE A 81 -6.99 7.72 10.56
N SER A 82 -6.72 8.33 11.70
CA SER A 82 -6.80 9.78 11.82
C SER A 82 -5.70 10.44 10.98
N ARG A 83 -5.91 11.70 10.64
CA ARG A 83 -4.91 12.46 9.89
C ARG A 83 -3.59 12.49 10.65
N GLU A 84 -3.67 12.51 11.98
CA GLU A 84 -2.47 12.58 12.80
C GLU A 84 -1.70 11.26 12.78
N GLU A 85 -2.41 10.16 12.54
CA GLU A 85 -1.78 8.85 12.45
C GLU A 85 -1.03 8.67 11.13
N VAL A 86 -1.60 9.20 10.06
CA VAL A 86 -1.04 9.02 8.73
C VAL A 86 -0.10 10.16 8.32
N PHE A 87 -0.34 11.34 8.89
CA PHE A 87 0.48 12.52 8.58
C PHE A 87 1.14 13.08 9.83
N ALA B 1 10.01 -6.46 24.22
CA ALA B 1 8.68 -5.89 24.41
C ALA B 1 7.81 -6.13 23.18
N ASP B 2 8.42 -6.64 22.12
CA ASP B 2 7.68 -6.99 20.90
C ASP B 2 6.65 -8.08 21.17
N LEU B 3 7.12 -9.27 21.52
CA LEU B 3 6.23 -10.40 21.78
C LEU B 3 5.17 -10.06 22.83
N GLU B 4 5.54 -9.21 23.77
CA GLU B 4 4.59 -8.80 24.81
C GLU B 4 3.44 -8.02 24.20
N SER B 5 3.77 -7.10 23.29
CA SER B 5 2.76 -6.34 22.57
C SER B 5 1.89 -7.28 21.75
N LEU B 6 2.53 -8.24 21.10
CA LEU B 6 1.82 -9.20 20.24
C LEU B 6 0.84 -10.07 21.01
N TYR B 7 1.30 -10.65 22.10
CA TYR B 7 0.46 -11.55 22.89
C TYR B 7 -0.77 -10.82 23.43
N ARG B 8 -0.58 -9.56 23.79
CA ARG B 8 -1.69 -8.75 24.29
C ARG B 8 -2.71 -8.51 23.19
N ALA B 9 -2.24 -8.16 22.00
CA ALA B 9 -3.14 -7.91 20.87
C ALA B 9 -3.77 -9.19 20.36
N PRO B 11 -4.35 -12.85 21.73
CA PRO B 11 -4.40 -13.94 22.71
C PRO B 11 -4.33 -15.32 22.05
N SER B 12 -4.80 -15.44 20.82
CA SER B 12 -4.79 -16.73 20.12
C SER B 12 -3.36 -17.21 19.85
N ILE B 13 -2.47 -16.26 19.56
CA ILE B 13 -1.08 -16.59 19.29
C ILE B 13 -0.37 -16.95 20.59
N LYS B 14 -0.65 -16.19 21.65
CA LYS B 14 -0.11 -16.50 22.97
C LYS B 14 -0.46 -17.92 23.37
N LYS B 15 -1.72 -18.30 23.17
CA LYS B 15 -2.18 -19.65 23.48
C LYS B 15 -1.39 -20.70 22.70
N LEU B 16 -1.26 -20.50 21.39
CA LEU B 16 -0.55 -21.45 20.55
C LEU B 16 0.91 -21.63 20.99
N VAL B 17 1.54 -20.54 21.40
CA VAL B 17 2.91 -20.61 21.91
C VAL B 17 2.94 -21.34 23.26
N ASP B 18 2.05 -20.96 24.16
CA ASP B 18 1.99 -21.63 25.47
C ASP B 18 1.71 -23.12 25.32
N GLU B 19 0.95 -23.49 24.29
CA GLU B 19 0.58 -24.87 24.02
C GLU B 19 1.70 -25.67 23.39
N GLY B 20 2.78 -24.99 23.02
CA GLY B 20 3.91 -25.62 22.37
C GLY B 20 3.72 -25.85 20.88
N LYS B 21 2.70 -25.24 20.30
CA LYS B 21 2.39 -25.43 18.89
C LYS B 21 3.15 -24.45 18.00
N LEU B 22 3.37 -23.24 18.51
CA LEU B 22 4.22 -22.26 17.84
C LEU B 22 5.46 -21.98 18.67
N THR B 23 6.62 -21.91 18.02
CA THR B 23 7.84 -21.55 18.72
C THR B 23 7.89 -20.05 18.91
N GLU B 24 8.83 -19.58 19.73
CA GLU B 24 8.98 -18.15 19.99
C GLU B 24 9.50 -17.45 18.74
N LYS B 25 10.33 -18.15 17.98
CA LYS B 25 10.78 -17.66 16.67
C LYS B 25 9.59 -17.43 15.75
N ASP B 26 8.69 -18.42 15.69
CA ASP B 26 7.46 -18.30 14.91
C ASP B 26 6.70 -17.04 15.31
N ALA B 27 6.54 -16.83 16.61
CA ALA B 27 5.79 -15.70 17.14
C ALA B 27 6.41 -14.37 16.75
N GLU B 28 7.73 -14.35 16.57
CA GLU B 28 8.43 -13.15 16.13
C GLU B 28 8.07 -12.83 14.68
N LYS B 29 7.97 -13.86 13.86
CA LYS B 29 7.51 -13.71 12.49
C LYS B 29 6.13 -13.09 12.46
N VAL B 30 5.25 -13.62 13.29
CA VAL B 30 3.87 -13.17 13.34
C VAL B 30 3.80 -11.71 13.74
N TYR B 31 4.70 -11.33 14.66
CA TYR B 31 4.78 -9.95 15.07
C TYR B 31 5.10 -9.04 13.88
N GLU B 32 6.08 -9.44 13.08
CA GLU B 32 6.47 -8.66 11.92
C GLU B 32 5.31 -8.48 10.95
N ILE B 33 4.55 -9.55 10.71
CA ILE B 33 3.40 -9.46 9.82
C ILE B 33 2.32 -8.54 10.40
N TRP B 34 2.05 -8.70 11.70
CA TRP B 34 1.10 -7.86 12.42
C TRP B 34 1.39 -6.38 12.19
N ARG B 35 2.65 -5.98 12.38
CA ARG B 35 3.07 -4.61 12.13
C ARG B 35 2.95 -4.23 10.65
N ASN B 36 3.30 -5.16 9.77
CA ASN B 36 3.24 -4.94 8.33
C ASN B 36 1.81 -4.69 7.88
N GLU B 38 -0.54 -3.22 9.44
CA GLU B 38 -0.92 -1.85 9.73
C GLU B 38 -0.54 -0.93 8.58
N ALA B 39 0.66 -1.14 8.05
CA ALA B 39 1.20 -0.29 6.99
C ALA B 39 0.35 -0.40 5.72
N ILE B 40 -0.10 -1.61 5.40
CA ILE B 40 -0.93 -1.82 4.22
C ILE B 40 -2.28 -1.12 4.36
N TYR B 41 -2.97 -1.37 5.47
CA TYR B 41 -4.30 -0.79 5.68
C TYR B 41 -4.27 0.72 5.78
N LYS B 42 -3.16 1.27 6.27
CA LYS B 42 -2.99 2.71 6.35
C LYS B 42 -3.06 3.36 4.97
N GLN B 43 -2.68 2.62 3.94
CA GLN B 43 -2.83 3.10 2.55
C GLN B 43 -4.24 3.60 2.27
N ALA B 44 -5.24 2.86 2.72
CA ALA B 44 -6.63 3.23 2.46
C ALA B 44 -6.94 4.64 2.98
N SER B 45 -6.46 4.95 4.18
CA SER B 45 -6.71 6.26 4.77
C SER B 45 -5.92 7.36 4.05
N LEU B 46 -4.65 7.08 3.75
CA LEU B 46 -3.84 8.03 2.99
C LEU B 46 -4.50 8.39 1.66
N LEU B 47 -4.96 7.38 0.92
CA LEU B 47 -5.64 7.64 -0.35
C LEU B 47 -6.90 8.47 -0.14
N TRP B 48 -7.69 8.07 0.85
CA TRP B 48 -8.93 8.77 1.17
C TRP B 48 -8.71 10.27 1.39
N TYR B 49 -7.76 10.62 2.26
CA TYR B 49 -7.52 12.01 2.63
C TYR B 49 -7.05 12.88 1.46
N ASN B 50 -6.57 12.25 0.40
CA ASN B 50 -6.03 12.99 -0.75
C ASN B 50 -6.91 12.95 -1.98
N THR B 51 -8.08 12.35 -1.86
CA THR B 51 -8.97 12.22 -3.01
C THR B 51 -10.42 12.57 -2.65
N VAL B 52 -11.20 11.56 -2.28
CA VAL B 52 -12.62 11.76 -2.02
C VAL B 52 -12.87 12.69 -0.83
N ASP B 53 -12.02 12.62 0.18
CA ASP B 53 -12.19 13.50 1.34
C ASP B 53 -12.13 14.96 0.91
N LEU B 54 -11.23 15.27 -0.02
CA LEU B 54 -11.06 16.64 -0.50
C LEU B 54 -12.28 17.09 -1.29
N LEU B 55 -12.83 16.20 -2.10
CA LEU B 55 -14.02 16.48 -2.89
C LEU B 55 -15.20 16.79 -1.96
N LEU B 56 -15.35 15.99 -0.93
CA LEU B 56 -16.46 16.13 0.00
C LEU B 56 -16.31 17.37 0.87
N LYS B 57 -15.09 17.66 1.29
CA LYS B 57 -14.82 18.89 2.04
C LYS B 57 -15.22 20.10 1.22
N ARG B 58 -14.85 20.06 -0.04
CA ARG B 58 -15.11 21.16 -0.98
C ARG B 58 -16.59 21.48 -1.09
N ILE B 59 -17.46 20.47 -0.99
CA ILE B 59 -18.89 20.70 -1.11
C ILE B 59 -19.58 20.87 0.25
N GLY B 60 -18.78 21.00 1.30
CA GLY B 60 -19.29 21.43 2.59
C GLY B 60 -19.56 20.36 3.64
N LEU B 61 -19.34 19.10 3.31
CA LEU B 61 -19.64 18.03 4.26
C LEU B 61 -18.80 18.13 5.53
N SER B 62 -19.42 17.82 6.66
CA SER B 62 -18.73 17.82 7.94
C SER B 62 -17.82 16.60 8.05
N GLU B 63 -16.98 16.60 9.08
CA GLU B 63 -16.10 15.48 9.38
C GLU B 63 -16.87 14.18 9.53
N LYS B 64 -17.94 14.21 10.32
CA LYS B 64 -18.70 13.00 10.58
C LYS B 64 -19.35 12.46 9.31
N GLU B 65 -19.86 13.37 8.48
CA GLU B 65 -20.48 12.98 7.22
C GLU B 65 -19.49 12.36 6.25
N ARG B 66 -18.27 12.89 6.24
CA ARG B 66 -17.24 12.39 5.34
C ARG B 66 -16.78 11.01 5.79
N GLU B 67 -16.63 10.83 7.11
CA GLU B 67 -16.23 9.56 7.68
C GLU B 67 -17.28 8.48 7.39
N GLU B 68 -18.55 8.84 7.49
CA GLU B 68 -19.61 7.91 7.17
C GLU B 68 -19.50 7.40 5.74
N ILE B 69 -19.18 8.30 4.81
CA ILE B 69 -19.05 7.93 3.41
C ILE B 69 -17.85 6.99 3.20
N PHE B 70 -16.76 7.25 3.91
CA PHE B 70 -15.60 6.34 3.86
C PHE B 70 -16.00 4.92 4.26
N TYR B 71 -16.67 4.79 5.39
CA TYR B 71 -17.09 3.47 5.86
C TYR B 71 -18.07 2.83 4.88
N GLU B 72 -18.92 3.65 4.27
CA GLU B 72 -19.82 3.13 3.26
C GLU B 72 -19.02 2.53 2.09
N VAL B 74 -15.78 1.36 2.10
CA VAL B 74 -14.82 0.29 2.38
C VAL B 74 -15.33 -0.84 3.27
N ARG B 75 -16.50 -0.68 3.89
CA ARG B 75 -17.02 -1.73 4.77
C ARG B 75 -17.05 -3.12 4.12
N PRO B 76 -17.52 -3.20 2.87
CA PRO B 76 -17.53 -4.52 2.22
C PRO B 76 -16.12 -5.10 2.05
N TYR B 77 -15.09 -4.27 2.20
CA TYR B 77 -13.71 -4.72 2.01
C TYR B 77 -13.09 -5.20 3.33
N PHE B 78 -13.82 -5.01 4.44
CA PHE B 78 -13.34 -5.35 5.77
C PHE B 78 -13.39 -6.86 6.01
N ARG B 79 -12.60 -7.62 5.26
CA ARG B 79 -12.70 -9.08 5.33
C ARG B 79 -11.44 -9.73 4.77
N LEU B 80 -11.32 -11.03 4.99
CA LEU B 80 -10.29 -11.81 4.34
C LEU B 80 -10.84 -12.22 2.98
N PHE B 81 -10.32 -11.63 1.91
CA PHE B 81 -10.75 -12.02 0.57
C PHE B 81 -10.36 -13.47 0.35
N SER B 82 -11.17 -14.21 -0.41
CA SER B 82 -10.89 -15.62 -0.66
C SER B 82 -9.68 -15.76 -1.58
N ARG B 83 -9.07 -16.94 -1.56
CA ARG B 83 -7.91 -17.19 -2.41
C ARG B 83 -8.25 -16.97 -3.88
N GLU B 84 -9.47 -17.32 -4.27
CA GLU B 84 -9.90 -17.16 -5.65
C GLU B 84 -10.00 -15.69 -6.03
N GLU B 85 -10.39 -14.85 -5.07
CA GLU B 85 -10.52 -13.41 -5.30
C GLU B 85 -9.17 -12.72 -5.54
N VAL B 86 -8.11 -13.22 -4.92
CA VAL B 86 -6.80 -12.56 -5.03
C VAL B 86 -5.78 -13.32 -5.88
N PHE B 87 -5.77 -14.64 -5.74
CA PHE B 87 -4.81 -15.47 -6.48
C PHE B 87 -5.28 -15.73 -7.91
N ALA C 1 21.72 7.17 16.98
CA ALA C 1 20.27 7.03 17.05
C ALA C 1 19.63 7.23 15.68
N ASP C 2 18.39 7.70 15.68
CA ASP C 2 17.65 7.90 14.46
C ASP C 2 18.20 9.05 13.61
N LEU C 3 18.50 10.18 14.24
CA LEU C 3 18.99 11.34 13.49
C LEU C 3 20.32 11.07 12.78
N GLU C 4 21.18 10.28 13.41
CA GLU C 4 22.48 9.98 12.83
C GLU C 4 22.32 9.16 11.54
N SER C 5 21.45 8.17 11.58
CA SER C 5 21.18 7.35 10.41
C SER C 5 20.54 8.20 9.30
N LEU C 6 19.68 9.14 9.67
CA LEU C 6 19.04 10.03 8.70
C LEU C 6 20.05 10.91 7.98
N TYR C 7 20.92 11.58 8.73
CA TYR C 7 21.91 12.47 8.14
C TYR C 7 22.82 11.72 7.18
N ARG C 8 23.14 10.48 7.52
CA ARG C 8 24.00 9.67 6.69
C ARG C 8 23.33 9.32 5.37
N ALA C 9 22.05 8.97 5.44
CA ALA C 9 21.29 8.64 4.24
C ALA C 9 20.94 9.90 3.43
N PRO C 11 22.33 13.62 3.10
CA PRO C 11 23.25 14.75 3.31
C PRO C 11 22.56 16.10 3.18
N SER C 12 21.55 16.19 2.32
CA SER C 12 20.85 17.45 2.08
C SER C 12 20.14 17.95 3.32
N ILE C 13 19.60 17.02 4.11
CA ILE C 13 18.90 17.37 5.34
C ILE C 13 19.90 17.75 6.41
N LYS C 14 21.01 17.02 6.47
CA LYS C 14 22.09 17.34 7.41
C LYS C 14 22.55 18.77 7.17
N LYS C 15 22.79 19.09 5.90
CA LYS C 15 23.23 20.42 5.50
C LYS C 15 22.26 21.50 5.96
N LEU C 16 20.96 21.29 5.69
CA LEU C 16 19.94 22.27 6.08
C LEU C 16 19.89 22.48 7.59
N VAL C 17 20.07 21.40 8.35
CA VAL C 17 20.12 21.53 9.81
C VAL C 17 21.37 22.32 10.22
N ASP C 18 22.51 21.95 9.64
CA ASP C 18 23.78 22.64 9.93
C ASP C 18 23.74 24.13 9.57
N GLU C 19 22.99 24.47 8.52
CA GLU C 19 22.86 25.86 8.07
C GLU C 19 21.88 26.63 8.94
N GLY C 20 21.22 25.93 9.86
CA GLY C 20 20.23 26.54 10.73
C GLY C 20 18.89 26.77 10.05
N LYS C 21 18.68 26.14 8.90
CA LYS C 21 17.42 26.28 8.16
C LYS C 21 16.35 25.32 8.67
N LEU C 22 16.77 24.15 9.12
CA LEU C 22 15.87 23.17 9.71
C LEU C 22 16.26 22.90 11.16
N THR C 23 15.27 22.81 12.04
CA THR C 23 15.53 22.46 13.43
C THR C 23 15.68 20.95 13.59
N GLU C 24 16.26 20.53 14.70
CA GLU C 24 16.41 19.11 14.99
C GLU C 24 15.04 18.44 15.10
N LYS C 25 14.06 19.18 15.63
CA LYS C 25 12.69 18.69 15.67
C LYS C 25 12.15 18.44 14.27
N ASP C 26 12.47 19.34 13.34
CA ASP C 26 12.06 19.15 11.95
C ASP C 26 12.70 17.89 11.39
N ALA C 27 13.97 17.69 11.70
CA ALA C 27 14.71 16.52 11.22
C ALA C 27 14.10 15.24 11.78
N GLU C 28 13.51 15.33 12.97
CA GLU C 28 12.88 14.18 13.59
C GLU C 28 11.62 13.78 12.83
N LYS C 29 10.86 14.77 12.38
CA LYS C 29 9.69 14.51 11.54
C LYS C 29 10.13 13.88 10.23
N VAL C 30 11.22 14.39 9.66
CA VAL C 30 11.71 13.88 8.37
C VAL C 30 12.15 12.44 8.51
N TYR C 31 12.73 12.10 9.67
CA TYR C 31 13.13 10.73 9.95
C TYR C 31 11.93 9.79 9.90
N GLU C 32 10.84 10.21 10.52
CA GLU C 32 9.61 9.41 10.57
C GLU C 32 9.08 9.15 9.15
N ILE C 33 9.04 10.20 8.34
CA ILE C 33 8.60 10.08 6.96
C ILE C 33 9.50 9.17 6.16
N TRP C 34 10.81 9.30 6.36
CA TRP C 34 11.81 8.46 5.70
C TRP C 34 11.52 6.98 5.95
N ARG C 35 11.14 6.66 7.19
CA ARG C 35 10.75 5.32 7.57
C ARG C 35 9.45 4.86 6.90
N ASN C 36 8.44 5.73 6.91
CA ASN C 36 7.16 5.42 6.29
C ASN C 36 7.34 5.19 4.79
N GLU C 38 10.04 3.98 3.23
CA GLU C 38 10.57 2.64 3.01
C GLU C 38 9.45 1.61 3.03
N ALA C 39 8.52 1.76 3.97
CA ALA C 39 7.40 0.82 4.11
C ALA C 39 6.53 0.77 2.86
N ILE C 40 6.31 1.92 2.23
CA ILE C 40 5.52 1.99 1.00
C ILE C 40 6.21 1.24 -0.14
N TYR C 41 7.49 1.53 -0.37
CA TYR C 41 8.23 0.87 -1.44
C TYR C 41 8.36 -0.64 -1.21
N LYS C 42 8.47 -1.05 0.05
CA LYS C 42 8.56 -2.48 0.35
C LYS C 42 7.26 -3.21 0.01
N GLN C 43 6.14 -2.52 0.15
CA GLN C 43 4.84 -3.10 -0.21
C GLN C 43 4.75 -3.46 -1.69
N ALA C 44 5.38 -2.66 -2.54
CA ALA C 44 5.37 -2.94 -3.96
C ALA C 44 6.12 -4.24 -4.24
N SER C 45 7.29 -4.41 -3.63
CA SER C 45 8.04 -5.66 -3.79
C SER C 45 7.24 -6.82 -3.23
N LEU C 46 6.61 -6.60 -2.08
CA LEU C 46 5.78 -7.62 -1.44
C LEU C 46 4.66 -8.11 -2.36
N LEU C 47 3.93 -7.15 -2.93
CA LEU C 47 2.83 -7.47 -3.85
C LEU C 47 3.34 -8.31 -5.01
N TRP C 48 4.45 -7.89 -5.60
CA TRP C 48 5.10 -8.63 -6.67
C TRP C 48 5.39 -10.09 -6.29
N TYR C 49 6.04 -10.31 -5.14
CA TYR C 49 6.36 -11.66 -4.70
C TYR C 49 5.11 -12.50 -4.41
N ASN C 50 4.04 -11.83 -4.01
CA ASN C 50 2.78 -12.51 -3.69
C ASN C 50 1.91 -12.81 -4.90
N THR C 51 2.29 -12.29 -6.07
CA THR C 51 1.44 -12.41 -7.24
C THR C 51 2.20 -12.81 -8.51
N VAL C 52 2.68 -11.82 -9.25
CA VAL C 52 3.24 -12.09 -10.56
C VAL C 52 4.52 -12.93 -10.49
N ASP C 53 5.30 -12.75 -9.44
CA ASP C 53 6.48 -13.57 -9.27
C ASP C 53 6.12 -15.05 -9.23
N LEU C 54 5.04 -15.39 -8.54
CA LEU C 54 4.61 -16.78 -8.43
C LEU C 54 4.20 -17.31 -9.79
N LEU C 55 3.41 -16.52 -10.51
CA LEU C 55 3.01 -16.85 -11.87
C LEU C 55 4.21 -17.14 -12.77
N LEU C 56 5.20 -16.26 -12.74
CA LEU C 56 6.39 -16.42 -13.58
C LEU C 56 7.24 -17.60 -13.13
N LYS C 57 7.21 -17.88 -11.83
CA LYS C 57 7.94 -19.01 -11.28
C LYS C 57 7.34 -20.31 -11.82
N ARG C 58 6.02 -20.33 -11.90
CA ARG C 58 5.30 -21.53 -12.33
C ARG C 58 5.65 -21.92 -13.77
N ILE C 59 5.91 -20.92 -14.61
CA ILE C 59 6.22 -21.19 -16.01
C ILE C 59 7.72 -21.30 -16.30
N GLY C 60 8.54 -21.27 -15.26
CA GLY C 60 9.93 -21.65 -15.37
C GLY C 60 10.99 -20.56 -15.49
N LEU C 61 10.59 -19.30 -15.32
CA LEU C 61 11.55 -18.21 -15.42
C LEU C 61 12.56 -18.23 -14.28
N SER C 62 13.81 -17.90 -14.59
CA SER C 62 14.85 -17.81 -13.58
C SER C 62 14.65 -16.54 -12.76
N GLU C 63 15.39 -16.43 -11.66
CA GLU C 63 15.29 -15.25 -10.80
C GLU C 63 15.74 -13.99 -11.53
N LYS C 64 16.73 -14.12 -12.41
CA LYS C 64 17.21 -12.99 -13.19
C LYS C 64 16.13 -12.50 -14.18
N GLU C 65 15.44 -13.45 -14.80
CA GLU C 65 14.42 -13.12 -15.78
C GLU C 65 13.18 -12.51 -15.15
N ARG C 66 12.82 -13.00 -13.97
CA ARG C 66 11.67 -12.44 -13.26
C ARG C 66 11.97 -11.02 -12.82
N GLU C 67 13.20 -10.79 -12.36
CA GLU C 67 13.61 -9.47 -11.90
C GLU C 67 13.56 -8.45 -13.02
N GLU C 68 14.01 -8.86 -14.21
CA GLU C 68 13.95 -8.00 -15.37
C GLU C 68 12.52 -7.57 -15.67
N ILE C 69 11.59 -8.50 -15.53
CA ILE C 69 10.18 -8.20 -15.79
C ILE C 69 9.62 -7.24 -14.74
N PHE C 70 10.01 -7.42 -13.49
CA PHE C 70 9.66 -6.48 -12.43
C PHE C 70 10.09 -5.06 -12.82
N TYR C 71 11.35 -4.91 -13.20
CA TYR C 71 11.85 -3.59 -13.55
C TYR C 71 11.11 -3.00 -14.75
N GLU C 72 10.77 -3.86 -15.71
CA GLU C 72 10.02 -3.41 -16.87
C GLU C 72 8.67 -2.85 -16.44
N VAL C 74 7.82 -1.60 -13.35
CA VAL C 74 7.81 -0.49 -12.39
C VAL C 74 8.75 0.68 -12.68
N ARG C 75 9.70 0.52 -13.60
CA ARG C 75 10.65 1.61 -13.87
C ARG C 75 9.97 2.96 -14.12
N PRO C 76 8.86 2.98 -14.88
CA PRO C 76 8.16 4.25 -15.11
C PRO C 76 7.58 4.85 -13.83
N TYR C 77 7.49 4.07 -12.76
CA TYR C 77 6.93 4.54 -11.49
C TYR C 77 8.01 5.08 -10.55
N PHE C 78 9.27 4.96 -10.95
CA PHE C 78 10.40 5.41 -10.13
C PHE C 78 10.58 6.91 -10.27
N ARG C 79 9.65 7.67 -9.71
CA ARG C 79 9.66 9.11 -9.89
C ARG C 79 8.72 9.77 -8.93
N LEU C 80 8.84 11.09 -8.82
CA LEU C 80 7.88 11.89 -8.11
C LEU C 80 6.74 12.22 -9.07
N PHE C 81 5.57 11.62 -8.83
CA PHE C 81 4.40 11.96 -9.62
C PHE C 81 4.08 13.43 -9.37
N SER C 82 3.64 14.13 -10.40
CA SER C 82 3.33 15.54 -10.27
C SER C 82 2.09 15.73 -9.41
N ARG C 83 1.88 16.95 -8.93
CA ARG C 83 0.68 17.26 -8.16
C ARG C 83 -0.58 17.02 -9.00
N GLU C 84 -0.51 17.38 -10.28
CA GLU C 84 -1.64 17.20 -11.17
C GLU C 84 -2.00 15.72 -11.29
N GLU C 85 -0.99 14.86 -11.27
CA GLU C 85 -1.21 13.42 -11.41
C GLU C 85 -1.91 12.78 -10.22
N VAL C 86 -1.65 13.29 -9.02
CA VAL C 86 -2.12 12.62 -7.80
C VAL C 86 -3.28 13.31 -7.10
N PHE C 87 -3.52 14.57 -7.46
CA PHE C 87 -4.63 15.32 -6.87
C PHE C 87 -5.78 15.48 -7.86
N ALA D 1 -9.23 -3.49 -24.28
CA ALA D 1 -8.13 -2.56 -24.49
C ALA D 1 -7.16 -2.57 -23.32
N ASP D 2 -7.55 -3.24 -22.24
CA ASP D 2 -6.67 -3.41 -21.09
C ASP D 2 -5.40 -4.13 -21.49
N LEU D 3 -5.55 -5.30 -22.12
CA LEU D 3 -4.39 -6.09 -22.52
C LEU D 3 -3.52 -5.37 -23.54
N GLU D 4 -4.16 -4.60 -24.41
CA GLU D 4 -3.41 -3.81 -25.39
C GLU D 4 -2.53 -2.79 -24.67
N SER D 5 -3.08 -2.16 -23.64
CA SER D 5 -2.31 -1.22 -22.83
C SER D 5 -1.17 -1.94 -22.10
N LEU D 6 -1.47 -3.10 -21.54
CA LEU D 6 -0.46 -3.87 -20.82
C LEU D 6 0.70 -4.25 -21.73
N TYR D 7 0.39 -4.81 -22.89
CA TYR D 7 1.40 -5.26 -23.83
C TYR D 7 2.31 -4.13 -24.28
N ARG D 8 1.73 -2.95 -24.50
CA ARG D 8 2.51 -1.77 -24.85
C ARG D 8 3.57 -1.48 -23.78
N ALA D 9 3.15 -1.49 -22.52
CA ALA D 9 4.03 -1.13 -21.42
C ALA D 9 4.98 -2.26 -21.07
N PRO D 11 6.48 -5.35 -22.97
CA PRO D 11 6.80 -6.21 -24.14
C PRO D 11 7.15 -7.64 -23.72
N SER D 12 7.70 -7.83 -22.53
CA SER D 12 8.11 -9.16 -22.09
C SER D 12 6.90 -10.05 -21.79
N ILE D 13 5.81 -9.43 -21.35
CA ILE D 13 4.58 -10.15 -21.08
C ILE D 13 3.89 -10.50 -22.39
N LYS D 14 3.89 -9.56 -23.33
CA LYS D 14 3.35 -9.83 -24.65
C LYS D 14 4.07 -11.02 -25.29
N LYS D 15 5.40 -11.04 -25.14
CA LYS D 15 6.21 -12.11 -25.70
C LYS D 15 5.85 -13.47 -25.11
N LEU D 16 5.73 -13.53 -23.79
CA LEU D 16 5.35 -14.78 -23.11
C LEU D 16 3.98 -15.29 -23.53
N VAL D 17 3.03 -14.38 -23.72
CA VAL D 17 1.70 -14.77 -24.18
C VAL D 17 1.78 -15.31 -25.60
N ASP D 18 2.48 -14.58 -26.46
CA ASP D 18 2.65 -14.98 -27.84
C ASP D 18 3.40 -16.30 -27.97
N GLU D 19 4.27 -16.59 -27.02
CA GLU D 19 5.05 -17.82 -27.02
C GLU D 19 4.23 -19.00 -26.51
N GLY D 20 3.07 -18.69 -25.95
CA GLY D 20 2.19 -19.71 -25.40
C GLY D 20 2.52 -20.10 -23.97
N LYS D 21 3.37 -19.32 -23.32
CA LYS D 21 3.80 -19.63 -21.95
C LYS D 21 2.84 -19.05 -20.91
N LEU D 22 2.25 -17.90 -21.24
CA LEU D 22 1.21 -17.30 -20.41
C LEU D 22 -0.10 -17.30 -21.17
N THR D 23 -1.19 -17.61 -20.47
CA THR D 23 -2.52 -17.55 -21.06
C THR D 23 -3.00 -16.11 -21.06
N GLU D 24 -4.05 -15.83 -21.83
CA GLU D 24 -4.64 -14.49 -21.87
C GLU D 24 -5.20 -14.10 -20.51
N LYS D 25 -5.77 -15.06 -19.80
CA LYS D 25 -6.29 -14.80 -18.46
C LYS D 25 -5.17 -14.53 -17.47
N ASP D 26 -4.03 -15.18 -17.65
CA ASP D 26 -2.84 -14.88 -16.86
C ASP D 26 -2.50 -13.42 -17.01
N ALA D 27 -2.46 -12.96 -18.26
CA ALA D 27 -2.13 -11.59 -18.58
C ALA D 27 -3.15 -10.62 -17.96
N GLU D 28 -4.39 -11.08 -17.84
CA GLU D 28 -5.43 -10.26 -17.23
C GLU D 28 -5.11 -10.00 -15.77
N LYS D 29 -4.65 -11.03 -15.08
CA LYS D 29 -4.21 -10.87 -13.69
C LYS D 29 -3.01 -9.94 -13.61
N VAL D 30 -2.07 -10.10 -14.55
CA VAL D 30 -0.88 -9.25 -14.59
C VAL D 30 -1.27 -7.79 -14.81
N TYR D 31 -2.27 -7.56 -15.66
CA TYR D 31 -2.77 -6.22 -15.90
C TYR D 31 -3.20 -5.55 -14.61
N GLU D 32 -3.98 -6.27 -13.80
CA GLU D 32 -4.47 -5.74 -12.54
C GLU D 32 -3.33 -5.35 -11.60
N ILE D 33 -2.35 -6.24 -11.49
CA ILE D 33 -1.18 -5.97 -10.64
C ILE D 33 -0.39 -4.74 -11.13
N TRP D 34 -0.21 -4.66 -12.44
CA TRP D 34 0.45 -3.51 -13.07
C TRP D 34 -0.21 -2.19 -12.64
N ARG D 35 -1.54 -2.14 -12.70
CA ARG D 35 -2.27 -0.96 -12.26
C ARG D 35 -2.18 -0.73 -10.75
N ASN D 36 -2.27 -1.80 -9.97
CA ASN D 36 -2.18 -1.68 -8.51
C ASN D 36 -0.79 -1.18 -8.09
N GLU D 38 1.18 0.85 -9.74
CA GLU D 38 1.23 2.30 -9.93
C GLU D 38 0.69 3.02 -8.69
N ALA D 39 -0.43 2.54 -8.15
CA ALA D 39 -1.06 3.17 -7.00
C ALA D 39 -0.16 3.15 -5.78
N ILE D 40 0.59 2.06 -5.58
CA ILE D 40 1.49 1.98 -4.45
C ILE D 40 2.60 3.04 -4.53
N TYR D 41 3.21 3.17 -5.71
CA TYR D 41 4.24 4.18 -5.90
C TYR D 41 3.70 5.60 -5.78
N LYS D 42 2.46 5.82 -6.20
CA LYS D 42 1.80 7.11 -6.03
C LYS D 42 1.66 7.46 -4.55
N GLN D 43 1.51 6.45 -3.71
CA GLN D 43 1.37 6.67 -2.27
C GLN D 43 2.57 7.43 -1.70
N ALA D 44 3.77 7.12 -2.21
CA ALA D 44 4.97 7.81 -1.79
C ALA D 44 4.89 9.30 -2.15
N SER D 45 4.39 9.60 -3.34
CA SER D 45 4.28 10.99 -3.76
C SER D 45 3.24 11.70 -2.89
N LEU D 46 2.11 11.04 -2.65
CA LEU D 46 1.07 11.59 -1.79
C LEU D 46 1.61 11.90 -0.39
N LEU D 47 2.32 10.95 0.22
CA LEU D 47 2.88 11.17 1.55
C LEU D 47 3.87 12.34 1.54
N TRP D 48 4.69 12.41 0.50
CA TRP D 48 5.67 13.50 0.36
C TRP D 48 4.99 14.87 0.34
N TYR D 49 3.97 15.02 -0.49
CA TYR D 49 3.30 16.30 -0.68
C TYR D 49 2.56 16.78 0.56
N ASN D 50 2.22 15.86 1.46
CA ASN D 50 1.49 16.19 2.67
C ASN D 50 2.39 16.36 3.89
N THR D 51 3.68 16.15 3.72
CA THR D 51 4.58 16.19 4.87
C THR D 51 5.85 16.99 4.58
N VAL D 52 6.90 16.31 4.15
CA VAL D 52 8.21 16.94 4.01
C VAL D 52 8.21 18.09 3.00
N ASP D 53 7.42 17.95 1.93
CA ASP D 53 7.36 19.00 0.92
C ASP D 53 6.90 20.32 1.53
N LEU D 54 5.96 20.25 2.47
CA LEU D 54 5.43 21.45 3.10
C LEU D 54 6.46 22.08 4.03
N LEU D 55 7.19 21.24 4.74
CA LEU D 55 8.25 21.71 5.62
C LEU D 55 9.31 22.45 4.81
N LEU D 56 9.70 21.87 3.68
CA LEU D 56 10.73 22.47 2.84
C LEU D 56 10.21 23.69 2.11
N LYS D 57 8.90 23.71 1.85
CA LYS D 57 8.27 24.86 1.21
C LYS D 57 8.33 26.06 2.14
N ARG D 58 8.02 25.84 3.41
CA ARG D 58 8.00 26.91 4.41
C ARG D 58 9.35 27.61 4.54
N ILE D 59 10.43 26.83 4.50
CA ILE D 59 11.76 27.40 4.68
C ILE D 59 12.36 27.97 3.39
N GLY D 60 11.60 27.88 2.30
CA GLY D 60 11.93 28.62 1.09
C GLY D 60 12.65 27.87 -0.01
N LEU D 61 12.62 26.55 0.02
CA LEU D 61 13.23 25.77 -1.06
C LEU D 61 12.40 25.84 -2.34
N SER D 62 13.08 25.84 -3.48
CA SER D 62 12.41 25.86 -4.77
C SER D 62 11.85 24.50 -5.13
N GLU D 63 10.94 24.46 -6.09
CA GLU D 63 10.35 23.22 -6.56
C GLU D 63 11.43 22.22 -6.95
N LYS D 64 12.48 22.70 -7.63
CA LYS D 64 13.56 21.82 -8.05
C LYS D 64 14.38 21.33 -6.86
N GLU D 65 14.65 22.22 -5.92
CA GLU D 65 15.41 21.88 -4.73
C GLU D 65 14.67 20.83 -3.90
N ARG D 66 13.36 20.97 -3.79
CA ARG D 66 12.56 20.01 -3.03
C ARG D 66 12.54 18.65 -3.72
N GLU D 67 12.44 18.67 -5.05
CA GLU D 67 12.44 17.44 -5.83
C GLU D 67 13.72 16.65 -5.65
N GLU D 68 14.85 17.35 -5.66
CA GLU D 68 16.15 16.71 -5.44
C GLU D 68 16.21 15.98 -4.11
N ILE D 69 15.61 16.57 -3.09
CA ILE D 69 15.57 15.95 -1.77
C ILE D 69 14.67 14.70 -1.73
N PHE D 70 13.55 14.76 -2.43
CA PHE D 70 12.69 13.58 -2.56
C PHE D 70 13.49 12.42 -3.13
N TYR D 71 14.20 12.67 -4.22
CA TYR D 71 14.96 11.61 -4.87
C TYR D 71 16.14 11.14 -4.01
N GLU D 72 16.76 12.05 -3.29
CA GLU D 72 17.80 11.66 -2.34
C GLU D 72 17.21 10.69 -1.32
N VAL D 74 14.36 8.66 -1.72
CA VAL D 74 13.74 7.43 -2.23
C VAL D 74 14.55 6.66 -3.29
N ARG D 75 15.58 7.27 -3.85
CA ARG D 75 16.39 6.58 -4.87
C ARG D 75 16.87 5.20 -4.42
N PRO D 76 17.31 5.06 -3.16
CA PRO D 76 17.74 3.74 -2.71
C PRO D 76 16.60 2.71 -2.70
N TYR D 77 15.36 3.17 -2.73
CA TYR D 77 14.20 2.26 -2.76
C TYR D 77 13.75 1.91 -4.17
N PHE D 78 14.41 2.48 -5.18
CA PHE D 78 14.06 2.21 -6.58
C PHE D 78 14.64 0.89 -7.04
N ARG D 79 14.14 -0.20 -6.47
CA ARG D 79 14.71 -1.51 -6.75
C ARG D 79 13.71 -2.58 -6.34
N LEU D 80 13.99 -3.82 -6.73
CA LEU D 80 13.26 -4.96 -6.19
C LEU D 80 13.90 -5.36 -4.86
N PHE D 81 13.22 -5.12 -3.75
CA PHE D 81 13.72 -5.57 -2.45
C PHE D 81 13.79 -7.08 -2.46
N SER D 82 14.81 -7.66 -1.83
CA SER D 82 14.94 -9.11 -1.79
C SER D 82 13.82 -9.72 -0.95
N ARG D 83 13.56 -11.00 -1.12
CA ARG D 83 12.58 -11.69 -0.29
C ARG D 83 12.95 -11.58 1.18
N GLU D 84 14.24 -11.68 1.48
CA GLU D 84 14.71 -11.63 2.86
C GLU D 84 14.39 -10.27 3.50
N GLU D 85 14.41 -9.23 2.69
CA GLU D 85 14.14 -7.87 3.17
C GLU D 85 12.67 -7.66 3.51
N VAL D 86 11.79 -8.22 2.70
CA VAL D 86 10.37 -7.92 2.83
C VAL D 86 9.61 -8.97 3.63
N PHE D 87 10.10 -10.21 3.64
CA PHE D 87 9.45 -11.27 4.40
C PHE D 87 10.10 -11.46 5.76
N PRO D 88 9.31 -11.96 6.74
CA PRO D 88 9.87 -12.23 8.06
C PRO D 88 11.01 -13.23 7.96
#